data_4W4X
#
_entry.id   4W4X
#
_cell.length_a   52.500
_cell.length_b   71.440
_cell.length_c   107.640
_cell.angle_alpha   90.00
_cell.angle_beta   90.00
_cell.angle_gamma   90.00
#
_symmetry.space_group_name_H-M   'P 21 21 21'
#
loop_
_entity.id
_entity.type
_entity.pdbx_description
1 polymer 'c-jun NH2-terminal kinase 3'
2 non-polymer 3-(4-{[(4-fluorophenyl)carbamoyl]amino}-1H-pyrazol-1-yl)-N-(2-methylpyridin-4-yl)benzamide
3 water water
#
_entity_poly.entity_id   1
_entity_poly.type   'polypeptide(L)'
_entity_poly.pdbx_seq_one_letter_code
;MAMSKSKVDNQFYSVEVGDSTFTVLKRYQNLKPIGSGAQGIVCAAYDAVLDRNVAIKKLSRPFQNQTHAKRAYRELVLMK
CVNHKNIISLLNVFTPQKTLEEFQDVYLVMELMDANLCQVIQMELDHERMSYLLYQMLCGIKHLHSAGIIHRDLKPSNIV
VKSDCTLKILDFGLARTAGTSFMMTPYVVTRYYRAPEVILGMGYKENVDIWSVGCIMGEMVRHKILFPGRDYIDQWNKVI
EQLGTPCPEFMKKLQPTVRNYVENRPKYAGLTFPKLFPDSLFPADSEHNKLKASQARDLLSKMLVIDPAKRISVDDALQH
PYINVWYDPAEVEAPPPQIYDKQLDEREHTIEEWKELIYKEVMNSE
;
_entity_poly.pdbx_strand_id   A
#
loop_
_chem_comp.id
_chem_comp.type
_chem_comp.name
_chem_comp.formula
3HN non-polymer 3-(4-{[(4-fluorophenyl)carbamoyl]amino}-1H-pyrazol-1-yl)-N-(2-methylpyridin-4-yl)benzamide 'C23 H19 F N6 O2'
#
# COMPACT_ATOMS: atom_id res chain seq x y z
N ASP A 9 -18.25 7.84 34.65
CA ASP A 9 -19.05 9.03 34.34
C ASP A 9 -18.60 9.73 33.02
N ASN A 10 -17.36 9.46 32.57
CA ASN A 10 -16.87 9.99 31.30
C ASN A 10 -17.23 8.95 30.24
N GLN A 11 -17.48 9.41 29.01
CA GLN A 11 -17.82 8.57 27.86
C GLN A 11 -16.57 7.78 27.39
N PHE A 12 -15.39 8.29 27.77
CA PHE A 12 -14.04 7.83 27.45
C PHE A 12 -13.32 7.28 28.69
N TYR A 13 -12.20 6.55 28.46
CA TYR A 13 -11.34 6.02 29.50
C TYR A 13 -9.99 5.82 28.88
N SER A 14 -8.90 6.00 29.64
CA SER A 14 -7.53 5.86 29.13
C SER A 14 -6.89 4.54 29.55
N VAL A 15 -6.03 4.03 28.69
CA VAL A 15 -5.28 2.80 28.90
C VAL A 15 -3.91 2.91 28.19
N GLU A 16 -2.83 2.62 28.92
CA GLU A 16 -1.46 2.68 28.40
C GLU A 16 -1.15 1.34 27.72
N VAL A 17 -0.99 1.39 26.40
CA VAL A 17 -0.75 0.24 25.52
C VAL A 17 0.57 0.45 24.79
N GLY A 18 1.48 -0.52 24.97
CA GLY A 18 2.80 -0.54 24.35
C GLY A 18 3.78 0.48 24.90
N ASP A 19 3.39 1.76 24.81
CA ASP A 19 4.10 2.99 25.23
C ASP A 19 3.13 4.18 25.09
N SER A 20 2.07 4.00 24.27
CA SER A 20 1.07 5.02 23.91
C SER A 20 -0.20 4.93 24.74
N THR A 21 -0.71 6.07 25.23
CA THR A 21 -1.96 6.15 25.98
C THR A 21 -3.12 6.14 24.97
N PHE A 22 -4.14 5.29 25.19
CA PHE A 22 -5.30 5.18 24.32
C PHE A 22 -6.56 5.65 25.04
N THR A 23 -6.93 6.94 24.89
CA THR A 23 -8.19 7.40 25.48
C THR A 23 -9.29 6.99 24.49
N VAL A 24 -10.04 5.95 24.83
CA VAL A 24 -11.07 5.44 23.93
C VAL A 24 -12.46 5.42 24.56
N LEU A 25 -13.48 5.39 23.68
CA LEU A 25 -14.90 5.29 24.00
C LEU A 25 -15.09 3.97 24.72
N LYS A 26 -15.77 4.02 25.88
CA LYS A 26 -16.01 2.89 26.78
C LYS A 26 -16.53 1.61 26.10
N ARG A 27 -17.08 1.71 24.87
CA ARG A 27 -17.54 0.57 24.08
C ARG A 27 -16.37 -0.37 23.73
N TYR A 28 -15.15 0.19 23.47
CA TYR A 28 -13.97 -0.60 23.16
C TYR A 28 -13.27 -1.11 24.43
N GLN A 29 -13.16 -2.44 24.56
CA GLN A 29 -12.57 -3.14 25.70
C GLN A 29 -11.42 -4.05 25.26
N ASN A 30 -10.62 -4.55 26.23
CA ASN A 30 -9.50 -5.49 26.11
C ASN A 30 -8.63 -5.16 24.92
N LEU A 31 -7.93 -4.04 25.06
CA LEU A 31 -7.07 -3.45 24.04
C LEU A 31 -5.67 -4.09 24.03
N LYS A 32 -5.41 -4.93 23.04
CA LYS A 32 -4.09 -5.57 22.90
C LYS A 32 -3.33 -4.98 21.68
N PRO A 33 -2.04 -4.57 21.82
CA PRO A 33 -1.32 -4.01 20.68
C PRO A 33 -1.04 -5.05 19.60
N ILE A 34 -1.04 -4.59 18.36
CA ILE A 34 -0.77 -5.46 17.22
C ILE A 34 0.76 -5.50 16.95
N GLY A 35 1.40 -4.31 16.89
CA GLY A 35 2.83 -4.14 16.72
C GLY A 35 3.40 -4.44 15.34
N SER A 36 2.95 -5.57 14.74
CA SER A 36 3.34 -6.04 13.40
C SER A 36 2.15 -6.81 12.74
N GLY A 37 1.40 -6.13 11.86
CA GLY A 37 1.63 -4.74 11.48
C GLY A 37 0.44 -3.95 10.93
N ALA A 38 0.13 -2.68 11.40
CA ALA A 38 0.76 -1.80 12.41
C ALA A 38 2.30 -1.56 12.24
N GLN A 39 2.77 -0.57 11.41
CA GLN A 39 2.18 0.54 10.65
C GLN A 39 2.37 1.84 11.47
N GLY A 40 1.43 2.12 12.37
CA GLY A 40 1.49 3.23 13.28
C GLY A 40 1.22 2.70 14.66
N ILE A 41 0.37 3.39 15.42
CA ILE A 41 -0.06 2.90 16.73
C ILE A 41 -1.45 2.27 16.54
N VAL A 42 -1.47 0.94 16.36
CA VAL A 42 -2.70 0.16 16.13
C VAL A 42 -2.95 -0.88 17.23
N CYS A 43 -4.21 -0.95 17.72
CA CYS A 43 -4.73 -1.89 18.74
C CYS A 43 -5.76 -2.85 18.19
N ALA A 44 -5.92 -4.01 18.85
CA ALA A 44 -7.03 -4.92 18.66
C ALA A 44 -7.94 -4.54 19.86
N ALA A 45 -9.27 -4.68 19.69
CA ALA A 45 -10.23 -4.35 20.74
C ALA A 45 -11.51 -5.14 20.51
N TYR A 46 -12.34 -5.26 21.53
CA TYR A 46 -13.67 -5.85 21.42
C TYR A 46 -14.66 -4.69 21.52
N ASP A 47 -15.51 -4.52 20.50
CA ASP A 47 -16.55 -3.50 20.49
C ASP A 47 -17.78 -4.10 21.20
N ALA A 48 -18.16 -3.51 22.33
CA ALA A 48 -19.29 -3.96 23.11
C ALA A 48 -20.58 -3.71 22.37
N VAL A 49 -20.68 -2.57 21.69
CA VAL A 49 -21.88 -2.14 20.96
C VAL A 49 -22.16 -3.05 19.76
N LEU A 50 -21.14 -3.25 18.91
CA LEU A 50 -21.19 -4.04 17.68
C LEU A 50 -20.97 -5.54 17.87
N ASP A 51 -20.54 -6.00 19.07
CA ASP A 51 -20.29 -7.43 19.40
C ASP A 51 -19.25 -8.09 18.47
N ARG A 52 -18.33 -7.27 17.97
CA ARG A 52 -17.30 -7.76 17.10
C ARG A 52 -15.95 -7.19 17.52
N ASN A 53 -14.87 -7.77 16.97
CA ASN A 53 -13.52 -7.35 17.25
C ASN A 53 -13.10 -6.30 16.22
N VAL A 54 -12.57 -5.17 16.71
CA VAL A 54 -12.14 -4.03 15.90
C VAL A 54 -10.65 -3.77 16.05
N ALA A 55 -10.09 -2.94 15.13
CA ALA A 55 -8.70 -2.47 15.14
C ALA A 55 -8.73 -0.96 15.33
N ILE A 56 -8.07 -0.44 16.39
CA ILE A 56 -8.06 1.00 16.66
C ILE A 56 -6.68 1.63 16.45
N LYS A 57 -6.61 2.56 15.50
CA LYS A 57 -5.42 3.31 15.15
C LYS A 57 -5.53 4.69 15.74
N LYS A 58 -4.48 5.12 16.48
CA LYS A 58 -4.37 6.46 17.09
C LYS A 58 -3.43 7.35 16.22
N LEU A 59 -3.95 8.49 15.78
CA LEU A 59 -3.23 9.53 15.05
C LEU A 59 -2.90 10.61 16.11
N SER A 60 -1.62 10.71 16.51
CA SER A 60 -1.11 11.63 17.55
C SER A 60 -0.84 13.02 17.00
N ARG A 61 -1.51 14.05 17.52
CA ARG A 61 -1.34 15.45 17.07
C ARG A 61 -1.01 15.50 15.52
N PRO A 62 -1.96 15.01 14.64
CA PRO A 62 -1.64 14.88 13.21
C PRO A 62 -1.34 16.14 12.44
N PHE A 63 -1.75 17.28 13.00
CA PHE A 63 -1.58 18.64 12.48
C PHE A 63 -0.21 19.25 12.79
N GLN A 64 0.70 18.47 13.45
CA GLN A 64 2.04 18.90 13.87
C GLN A 64 2.98 19.37 12.73
N ASN A 65 2.75 18.89 11.50
CA ASN A 65 3.51 19.26 10.30
C ASN A 65 2.73 18.94 9.02
N GLN A 66 3.03 19.66 7.94
CA GLN A 66 2.49 19.55 6.58
C GLN A 66 2.34 18.10 6.07
N THR A 67 3.39 17.27 6.26
CA THR A 67 3.44 15.89 5.81
C THR A 67 2.34 15.07 6.51
N HIS A 68 2.37 15.02 7.85
CA HIS A 68 1.40 14.34 8.74
C HIS A 68 -0.03 14.85 8.53
N ALA A 69 -0.19 16.18 8.35
CA ALA A 69 -1.45 16.86 8.18
C ALA A 69 -2.11 16.54 6.87
N LYS A 70 -1.41 16.74 5.72
CA LYS A 70 -1.91 16.47 4.37
C LYS A 70 -2.42 15.03 4.30
N ARG A 71 -1.60 14.04 4.76
CA ARG A 71 -1.96 12.61 4.74
C ARG A 71 -3.20 12.26 5.60
N ALA A 72 -3.26 12.73 6.86
CA ALA A 72 -4.39 12.44 7.76
C ALA A 72 -5.65 13.05 7.21
N TYR A 73 -5.60 14.36 6.83
CA TYR A 73 -6.75 15.07 6.25
C TYR A 73 -7.22 14.40 4.96
N ARG A 74 -6.32 14.15 3.99
CA ARG A 74 -6.73 13.48 2.74
C ARG A 74 -7.23 12.05 2.93
N GLU A 75 -6.67 11.28 3.90
CA GLU A 75 -7.14 9.91 4.09
C GLU A 75 -8.49 9.87 4.72
N LEU A 76 -8.77 10.79 5.65
CA LEU A 76 -10.06 10.92 6.34
C LEU A 76 -11.17 11.22 5.33
N VAL A 77 -10.92 12.22 4.45
CA VAL A 77 -11.81 12.66 3.37
C VAL A 77 -12.12 11.51 2.42
N LEU A 78 -11.06 10.83 1.94
CA LEU A 78 -11.12 9.69 1.03
C LEU A 78 -11.70 8.42 1.63
N MET A 79 -11.55 8.17 2.95
CA MET A 79 -12.12 6.98 3.59
C MET A 79 -13.64 7.08 3.59
N LYS A 80 -14.16 8.33 3.57
CA LYS A 80 -15.60 8.65 3.54
C LYS A 80 -16.20 8.49 2.13
N CYS A 81 -15.52 9.06 1.10
CA CYS A 81 -15.99 9.03 -0.28
C CYS A 81 -15.61 7.76 -1.08
N VAL A 82 -15.08 6.70 -0.42
CA VAL A 82 -14.68 5.46 -1.11
C VAL A 82 -15.41 4.22 -0.55
N ASN A 83 -15.92 3.36 -1.43
CA ASN A 83 -16.62 2.19 -0.92
C ASN A 83 -16.32 0.93 -1.71
N HIS A 84 -15.42 0.09 -1.19
CA HIS A 84 -15.04 -1.19 -1.80
C HIS A 84 -14.64 -2.19 -0.74
N LYS A 85 -14.87 -3.50 -1.02
CA LYS A 85 -14.57 -4.59 -0.09
C LYS A 85 -13.06 -4.82 0.09
N ASN A 86 -12.25 -4.28 -0.82
CA ASN A 86 -10.78 -4.40 -0.73
C ASN A 86 -10.10 -3.10 -0.39
N ILE A 87 -10.89 -2.12 0.10
CA ILE A 87 -10.42 -0.81 0.49
C ILE A 87 -10.94 -0.54 1.91
N ILE A 88 -10.16 0.17 2.71
CA ILE A 88 -10.46 0.49 4.10
C ILE A 88 -11.80 1.16 4.26
N SER A 89 -12.64 0.56 5.08
CA SER A 89 -13.92 1.13 5.45
C SER A 89 -13.80 1.46 6.93
N LEU A 90 -14.24 2.64 7.31
CA LEU A 90 -14.16 3.08 8.71
C LEU A 90 -15.47 2.76 9.44
N LEU A 91 -15.37 2.15 10.63
CA LEU A 91 -16.50 1.83 11.51
C LEU A 91 -16.86 3.05 12.40
N ASN A 92 -15.84 3.84 12.76
CA ASN A 92 -15.96 4.98 13.64
C ASN A 92 -14.69 5.81 13.52
N VAL A 93 -14.83 7.10 13.78
CA VAL A 93 -13.80 8.15 13.87
C VAL A 93 -14.16 8.93 15.13
N PHE A 94 -13.17 9.25 15.98
CA PHE A 94 -13.43 10.02 17.19
C PHE A 94 -12.26 10.73 17.76
N THR A 95 -12.53 11.71 18.61
CA THR A 95 -11.53 12.44 19.39
C THR A 95 -12.02 12.52 20.84
N PRO A 96 -11.15 12.21 21.82
CA PRO A 96 -11.53 12.35 23.23
C PRO A 96 -11.70 13.80 23.68
N GLN A 97 -11.06 14.77 22.95
CA GLN A 97 -11.04 16.22 23.19
C GLN A 97 -12.34 16.93 22.80
N LYS A 98 -12.80 17.82 23.69
CA LYS A 98 -14.10 18.48 23.62
C LYS A 98 -14.18 19.77 22.77
N THR A 99 -13.06 20.42 22.51
CA THR A 99 -13.07 21.67 21.73
C THR A 99 -12.00 21.62 20.67
N LEU A 100 -12.06 22.56 19.71
CA LEU A 100 -11.02 22.68 18.68
C LEU A 100 -9.69 23.04 19.33
N GLU A 101 -9.75 23.87 20.38
CA GLU A 101 -8.62 24.34 21.18
C GLU A 101 -7.93 23.18 21.91
N GLU A 102 -8.72 22.26 22.49
CA GLU A 102 -8.20 21.13 23.25
C GLU A 102 -7.70 19.97 22.38
N PHE A 103 -8.22 19.86 21.13
CA PHE A 103 -7.91 18.82 20.14
C PHE A 103 -6.44 18.43 20.08
N GLN A 104 -6.16 17.10 20.10
CA GLN A 104 -4.80 16.58 20.05
C GLN A 104 -4.72 15.34 19.17
N ASP A 105 -5.55 14.34 19.46
CA ASP A 105 -5.49 13.06 18.78
C ASP A 105 -6.79 12.66 18.06
N VAL A 106 -6.65 11.83 17.00
CA VAL A 106 -7.73 11.26 16.15
C VAL A 106 -7.69 9.75 16.27
N TYR A 107 -8.86 9.10 16.41
CA TYR A 107 -8.95 7.63 16.49
C TYR A 107 -9.83 7.08 15.40
N LEU A 108 -9.24 6.22 14.57
CA LEU A 108 -9.88 5.57 13.44
C LEU A 108 -10.14 4.12 13.81
N VAL A 109 -11.39 3.66 13.62
CA VAL A 109 -11.80 2.29 13.93
C VAL A 109 -12.21 1.54 12.62
N MET A 110 -11.76 0.29 12.46
CA MET A 110 -12.11 -0.57 11.34
C MET A 110 -12.28 -1.98 11.91
N GLU A 111 -12.73 -2.94 11.07
CA GLU A 111 -12.83 -4.35 11.49
C GLU A 111 -11.43 -4.95 11.70
N LEU A 112 -11.33 -5.93 12.58
CA LEU A 112 -10.06 -6.53 12.87
C LEU A 112 -9.75 -7.57 11.87
N MET A 113 -8.57 -7.45 11.26
CA MET A 113 -8.09 -8.42 10.29
C MET A 113 -7.15 -9.35 11.05
N ASP A 114 -6.53 -10.33 10.36
CA ASP A 114 -5.75 -11.30 11.10
C ASP A 114 -4.25 -11.18 10.92
N ALA A 115 -3.80 -10.46 9.86
CA ALA A 115 -2.38 -10.30 9.53
C ALA A 115 -2.20 -9.25 8.47
N ASN A 116 -0.96 -8.79 8.30
CA ASN A 116 -0.62 -7.88 7.20
C ASN A 116 -0.09 -8.75 6.04
N LEU A 117 0.10 -8.18 4.82
CA LEU A 117 0.54 -8.97 3.68
C LEU A 117 1.99 -9.48 3.72
N CYS A 118 2.90 -8.87 4.53
CA CYS A 118 4.31 -9.28 4.64
C CYS A 118 4.39 -10.64 5.23
N GLN A 119 3.50 -10.90 6.21
CA GLN A 119 3.40 -12.14 6.95
C GLN A 119 2.97 -13.24 6.00
N VAL A 120 2.01 -12.93 5.11
CA VAL A 120 1.44 -13.84 4.14
C VAL A 120 2.45 -14.18 3.02
N ILE A 121 3.29 -13.18 2.65
CA ILE A 121 4.37 -13.26 1.65
C ILE A 121 5.40 -14.30 2.09
N GLN A 122 5.72 -14.32 3.39
CA GLN A 122 6.72 -15.22 3.97
C GLN A 122 6.30 -16.71 3.89
N MET A 123 5.00 -16.96 3.79
CA MET A 123 4.41 -18.29 3.70
C MET A 123 4.50 -18.89 2.31
N GLU A 124 4.51 -20.22 2.23
CA GLU A 124 4.45 -20.97 0.98
C GLU A 124 2.96 -20.99 0.62
N LEU A 125 2.55 -20.21 -0.39
CA LEU A 125 1.14 -20.15 -0.80
C LEU A 125 0.89 -20.90 -2.12
N ASP A 126 -0.32 -21.45 -2.26
CA ASP A 126 -0.71 -22.16 -3.47
C ASP A 126 -1.21 -21.15 -4.51
N HIS A 127 -1.45 -21.59 -5.75
CA HIS A 127 -1.93 -20.71 -6.83
C HIS A 127 -3.35 -20.18 -6.56
N GLU A 128 -4.19 -20.98 -5.87
CA GLU A 128 -5.56 -20.64 -5.48
C GLU A 128 -5.55 -19.42 -4.56
N ARG A 129 -4.69 -19.44 -3.53
CA ARG A 129 -4.52 -18.37 -2.55
C ARG A 129 -3.84 -17.18 -3.18
N MET A 130 -2.71 -17.44 -3.85
CA MET A 130 -1.87 -16.43 -4.50
C MET A 130 -2.64 -15.59 -5.50
N SER A 131 -3.35 -16.22 -6.47
CA SER A 131 -4.12 -15.48 -7.46
C SER A 131 -5.33 -14.77 -6.86
N TYR A 132 -5.77 -15.21 -5.66
CA TYR A 132 -6.92 -14.61 -4.99
C TYR A 132 -6.54 -13.31 -4.27
N LEU A 133 -5.33 -13.26 -3.71
CA LEU A 133 -4.81 -12.06 -3.09
C LEU A 133 -4.56 -11.02 -4.20
N LEU A 134 -3.93 -11.47 -5.30
CA LEU A 134 -3.61 -10.64 -6.46
C LEU A 134 -4.83 -10.11 -7.20
N TYR A 135 -5.90 -10.92 -7.35
CA TYR A 135 -7.17 -10.49 -7.96
C TYR A 135 -7.71 -9.32 -7.14
N GLN A 136 -7.79 -9.50 -5.82
CA GLN A 136 -8.29 -8.50 -4.87
C GLN A 136 -7.49 -7.21 -4.85
N MET A 137 -6.14 -7.30 -4.89
CA MET A 137 -5.27 -6.11 -4.93
C MET A 137 -5.62 -5.29 -6.15
N LEU A 138 -5.87 -5.96 -7.30
CA LEU A 138 -6.20 -5.34 -8.57
C LEU A 138 -7.61 -4.79 -8.58
N CYS A 139 -8.56 -5.49 -7.89
CA CYS A 139 -9.94 -5.03 -7.73
C CYS A 139 -9.91 -3.69 -6.98
N GLY A 140 -9.26 -3.66 -5.83
CA GLY A 140 -9.08 -2.47 -5.02
C GLY A 140 -8.50 -1.32 -5.82
N ILE A 141 -7.32 -1.54 -6.47
CA ILE A 141 -6.61 -0.57 -7.31
C ILE A 141 -7.51 -0.06 -8.47
N LYS A 142 -8.33 -0.95 -9.07
CA LYS A 142 -9.27 -0.57 -10.15
C LYS A 142 -10.29 0.41 -9.61
N HIS A 143 -10.79 0.16 -8.38
CA HIS A 143 -11.78 1.01 -7.71
C HIS A 143 -11.17 2.37 -7.35
N LEU A 144 -9.94 2.36 -6.81
CA LEU A 144 -9.26 3.61 -6.49
C LEU A 144 -9.08 4.40 -7.78
N HIS A 145 -8.55 3.76 -8.86
CA HIS A 145 -8.36 4.43 -10.15
C HIS A 145 -9.60 5.12 -10.69
N SER A 146 -10.79 4.50 -10.50
CA SER A 146 -12.08 5.03 -10.95
C SER A 146 -12.51 6.26 -10.13
N ALA A 147 -12.09 6.32 -8.85
CA ALA A 147 -12.35 7.44 -7.94
C ALA A 147 -11.34 8.59 -8.15
N GLY A 148 -10.48 8.45 -9.15
CA GLY A 148 -9.43 9.42 -9.44
C GLY A 148 -8.29 9.28 -8.45
N ILE A 149 -8.09 8.06 -7.94
CA ILE A 149 -7.04 7.78 -6.96
C ILE A 149 -5.98 6.85 -7.57
N ILE A 150 -4.82 7.44 -7.89
CA ILE A 150 -3.65 6.69 -8.36
C ILE A 150 -2.71 6.71 -7.16
N HIS A 151 -2.61 5.55 -6.52
CA HIS A 151 -1.89 5.25 -5.29
C HIS A 151 -0.44 5.68 -5.30
N ARG A 152 0.38 5.04 -6.19
CA ARG A 152 1.83 5.22 -6.40
C ARG A 152 2.67 4.68 -5.28
N ASP A 153 2.07 4.39 -4.11
CA ASP A 153 2.85 3.85 -2.99
C ASP A 153 2.23 2.60 -2.36
N LEU A 154 1.82 1.66 -3.19
CA LEU A 154 1.23 0.41 -2.71
C LEU A 154 2.37 -0.49 -2.23
N LYS A 155 2.27 -0.99 -0.98
CA LYS A 155 3.27 -1.85 -0.35
C LYS A 155 2.59 -2.85 0.59
N PRO A 156 3.15 -4.07 0.82
CA PRO A 156 2.47 -5.05 1.71
C PRO A 156 2.18 -4.59 3.15
N SER A 157 3.03 -3.77 3.74
CA SER A 157 2.87 -3.27 5.10
C SER A 157 1.54 -2.55 5.35
N ASN A 158 0.99 -1.89 4.31
CA ASN A 158 -0.28 -1.16 4.40
C ASN A 158 -1.45 -1.95 3.76
N ILE A 159 -1.25 -3.27 3.61
CA ILE A 159 -2.26 -4.25 3.11
C ILE A 159 -2.44 -5.32 4.21
N VAL A 160 -3.71 -5.59 4.57
CA VAL A 160 -4.13 -6.56 5.61
C VAL A 160 -5.01 -7.71 5.05
N VAL A 161 -4.90 -8.91 5.64
CA VAL A 161 -5.72 -10.07 5.20
C VAL A 161 -6.46 -10.71 6.36
N LYS A 162 -7.51 -11.44 6.05
CA LYS A 162 -8.33 -12.20 7.00
C LYS A 162 -8.02 -13.68 6.77
N SER A 163 -8.35 -14.55 7.75
CA SER A 163 -8.11 -16.02 7.64
C SER A 163 -8.71 -16.65 6.39
N ASP A 164 -9.88 -16.16 5.92
CA ASP A 164 -10.57 -16.57 4.69
C ASP A 164 -9.93 -16.04 3.37
N CYS A 165 -8.77 -15.36 3.49
CA CYS A 165 -7.93 -14.75 2.42
C CYS A 165 -8.52 -13.47 1.79
N THR A 166 -9.51 -12.86 2.47
CA THR A 166 -10.09 -11.58 2.03
C THR A 166 -9.09 -10.48 2.38
N LEU A 167 -8.85 -9.59 1.45
CA LEU A 167 -7.77 -8.59 1.52
C LEU A 167 -8.34 -7.19 1.55
N LYS A 168 -7.64 -6.23 2.15
CA LYS A 168 -8.00 -4.81 2.17
C LYS A 168 -6.74 -3.94 2.06
N ILE A 169 -6.86 -2.83 1.32
CA ILE A 169 -5.80 -1.84 1.13
C ILE A 169 -6.14 -0.76 2.16
N LEU A 170 -5.16 -0.43 3.04
CA LEU A 170 -5.38 0.52 4.15
C LEU A 170 -5.10 2.00 3.88
N ASP A 171 -4.42 2.36 2.79
CA ASP A 171 -4.08 3.76 2.51
C ASP A 171 -4.39 4.20 1.07
N PHE A 172 -4.22 5.51 0.81
CA PHE A 172 -4.52 6.10 -0.50
C PHE A 172 -3.23 6.67 -1.18
N GLY A 173 -2.08 6.28 -0.65
CA GLY A 173 -0.74 6.54 -1.13
C GLY A 173 -0.21 7.94 -1.24
N LEU A 174 0.59 8.17 -2.30
CA LEU A 174 1.27 9.43 -2.62
C LEU A 174 0.29 10.55 -3.00
N ALA A 175 0.43 11.68 -2.29
CA ALA A 175 -0.39 12.87 -2.51
C ALA A 175 -0.16 13.46 -3.89
N ARG A 176 -1.18 13.33 -4.76
CA ARG A 176 -1.24 13.90 -6.11
C ARG A 176 -1.21 15.41 -5.90
N THR A 177 -0.37 16.13 -6.67
CA THR A 177 -0.13 17.59 -6.59
C THR A 177 0.60 17.90 -5.25
N ALA A 178 1.70 17.15 -5.01
CA ALA A 178 2.63 17.20 -3.88
C ALA A 178 3.81 16.27 -4.20
N GLY A 179 5.04 16.59 -3.79
CA GLY A 179 5.43 17.74 -2.97
C GLY A 179 5.84 17.33 -1.56
N THR A 180 6.46 16.13 -1.44
CA THR A 180 6.92 15.51 -0.18
C THR A 180 8.08 16.30 0.49
N SER A 181 8.21 16.15 1.82
CA SER A 181 9.24 16.80 2.63
C SER A 181 10.08 15.76 3.40
N PHE A 182 10.77 16.21 4.47
CA PHE A 182 11.60 15.36 5.34
C PHE A 182 10.81 14.97 6.60
N MET A 183 11.37 14.08 7.43
CA MET A 183 10.77 13.63 8.68
C MET A 183 11.76 13.72 9.84
N MET A 184 11.50 14.62 10.81
CA MET A 184 12.38 14.79 11.98
C MET A 184 12.23 13.61 12.99
N THR A 185 11.36 12.62 12.64
CA THR A 185 11.03 11.42 13.41
C THR A 185 11.80 10.16 12.90
N PRO A 186 12.11 9.16 13.77
CA PRO A 186 12.82 7.96 13.28
C PRO A 186 11.88 6.83 12.82
N TYR A 187 11.54 6.83 11.52
CA TYR A 187 10.70 5.80 10.90
C TYR A 187 11.11 5.60 9.45
N VAL A 188 11.20 4.32 9.03
CA VAL A 188 11.64 3.91 7.69
C VAL A 188 10.54 4.06 6.63
N VAL A 189 10.88 4.67 5.46
CA VAL A 189 9.96 4.80 4.32
C VAL A 189 10.31 3.69 3.32
N THR A 190 9.40 2.70 3.16
CA THR A 190 9.56 1.56 2.27
C THR A 190 9.34 2.01 0.82
N ARG A 191 10.44 2.03 0.01
CA ARG A 191 10.46 2.49 -1.37
C ARG A 191 10.58 1.37 -2.42
N TYR A 192 10.83 0.16 -1.96
CA TYR A 192 11.05 -1.05 -2.75
C TYR A 192 9.97 -1.41 -3.80
N TYR A 193 8.69 -1.03 -3.56
CA TYR A 193 7.53 -1.37 -4.41
C TYR A 193 7.08 -0.23 -5.37
N ARG A 194 7.76 0.93 -5.31
CA ARG A 194 7.48 2.10 -6.14
C ARG A 194 7.94 1.84 -7.58
N ALA A 195 7.13 2.28 -8.56
CA ALA A 195 7.30 2.14 -10.01
C ALA A 195 8.49 2.92 -10.55
N PRO A 196 9.15 2.55 -11.69
CA PRO A 196 10.31 3.34 -12.14
C PRO A 196 9.99 4.82 -12.32
N GLU A 197 8.75 5.15 -12.72
CA GLU A 197 8.27 6.52 -12.90
C GLU A 197 8.27 7.29 -11.60
N VAL A 198 8.12 6.57 -10.49
CA VAL A 198 8.19 7.19 -9.17
C VAL A 198 9.66 7.37 -8.82
N ILE A 199 10.45 6.27 -8.97
CA ILE A 199 11.89 6.29 -8.75
C ILE A 199 12.58 7.44 -9.54
N LEU A 200 12.12 7.72 -10.77
CA LEU A 200 12.76 8.68 -11.68
C LEU A 200 11.91 9.91 -12.08
N GLY A 201 11.01 10.36 -11.19
CA GLY A 201 10.14 11.52 -11.34
C GLY A 201 9.66 11.72 -12.76
N MET A 202 8.72 10.90 -13.23
CA MET A 202 8.36 10.91 -14.65
C MET A 202 6.99 11.36 -15.09
N GLY A 203 6.02 11.37 -14.20
CA GLY A 203 4.65 11.56 -14.65
C GLY A 203 4.13 10.15 -14.87
N TYR A 204 2.89 9.91 -14.48
CA TYR A 204 2.33 8.58 -14.45
C TYR A 204 0.91 8.49 -14.99
N LYS A 205 0.45 7.25 -15.13
CA LYS A 205 -0.89 6.84 -15.51
C LYS A 205 -1.33 5.75 -14.52
N GLU A 206 -2.57 5.30 -14.64
CA GLU A 206 -3.17 4.29 -13.79
C GLU A 206 -2.26 3.08 -13.45
N ASN A 207 -1.62 2.47 -14.45
CA ASN A 207 -0.79 1.26 -14.29
C ASN A 207 0.60 1.50 -13.62
N VAL A 208 0.72 2.58 -12.83
CA VAL A 208 1.91 2.88 -12.03
C VAL A 208 1.85 1.92 -10.81
N ASP A 209 0.62 1.44 -10.45
CA ASP A 209 0.31 0.56 -9.32
C ASP A 209 0.45 -0.90 -9.67
N ILE A 210 0.56 -1.22 -10.98
CA ILE A 210 0.74 -2.58 -11.50
C ILE A 210 2.14 -2.99 -11.14
N TRP A 211 3.12 -2.06 -11.34
CA TRP A 211 4.52 -2.33 -10.95
C TRP A 211 4.53 -2.85 -9.54
N SER A 212 3.84 -2.14 -8.62
CA SER A 212 3.70 -2.53 -7.20
C SER A 212 3.17 -3.94 -7.00
N VAL A 213 2.07 -4.34 -7.73
CA VAL A 213 1.43 -5.68 -7.70
C VAL A 213 2.42 -6.75 -8.22
N GLY A 214 3.33 -6.36 -9.13
CA GLY A 214 4.40 -7.21 -9.68
C GLY A 214 5.54 -7.44 -8.68
N CYS A 215 5.88 -6.43 -7.89
CA CYS A 215 6.91 -6.55 -6.85
C CYS A 215 6.38 -7.46 -5.75
N ILE A 216 5.10 -7.32 -5.39
CA ILE A 216 4.47 -8.11 -4.33
C ILE A 216 4.39 -9.57 -4.77
N MET A 217 3.81 -9.83 -5.96
CA MET A 217 3.71 -11.17 -6.57
C MET A 217 5.05 -11.87 -6.64
N GLY A 218 6.05 -11.13 -7.12
CA GLY A 218 7.43 -11.59 -7.23
C GLY A 218 7.97 -12.03 -5.89
N GLU A 219 7.70 -11.24 -4.83
CA GLU A 219 8.10 -11.54 -3.46
C GLU A 219 7.35 -12.75 -2.87
N MET A 220 6.09 -13.01 -3.31
CA MET A 220 5.28 -14.19 -2.89
C MET A 220 5.92 -15.48 -3.39
N VAL A 221 6.52 -15.44 -4.59
CA VAL A 221 7.22 -16.54 -5.30
C VAL A 221 8.70 -16.66 -4.83
N ARG A 222 9.44 -15.53 -4.79
CA ARG A 222 10.86 -15.48 -4.40
C ARG A 222 11.13 -15.46 -2.89
N HIS A 223 10.27 -14.78 -2.10
CA HIS A 223 10.41 -14.63 -0.63
C HIS A 223 11.61 -13.72 -0.31
N LYS A 224 11.87 -12.76 -1.20
CA LYS A 224 12.94 -11.78 -1.11
C LYS A 224 12.45 -10.53 -1.79
N ILE A 225 12.81 -9.38 -1.22
CA ILE A 225 12.49 -8.08 -1.81
C ILE A 225 13.21 -8.03 -3.18
N LEU A 226 12.44 -7.77 -4.23
CA LEU A 226 12.92 -7.78 -5.60
C LEU A 226 13.95 -6.70 -5.89
N PHE A 227 13.61 -5.43 -5.56
CA PHE A 227 14.53 -4.32 -5.82
C PHE A 227 14.87 -3.53 -4.52
N PRO A 228 15.67 -4.14 -3.59
CA PRO A 228 16.07 -3.44 -2.34
C PRO A 228 17.03 -2.25 -2.52
N GLY A 229 17.45 -1.65 -1.40
CA GLY A 229 18.39 -0.54 -1.44
C GLY A 229 18.15 0.62 -0.50
N ARG A 230 19.23 1.35 -0.14
CA ARG A 230 19.22 2.50 0.76
C ARG A 230 18.39 3.66 0.21
N ASP A 231 18.40 3.80 -1.12
CA ASP A 231 17.75 4.87 -1.86
C ASP A 231 17.59 4.46 -3.32
N TYR A 232 16.92 5.31 -4.11
CA TYR A 232 16.65 5.12 -5.55
C TYR A 232 17.88 4.84 -6.43
N ILE A 233 19.11 5.15 -5.96
CA ILE A 233 20.34 4.85 -6.73
C ILE A 233 20.53 3.33 -6.68
N ASP A 234 20.69 2.79 -5.44
CA ASP A 234 20.88 1.39 -5.08
C ASP A 234 19.81 0.53 -5.75
N GLN A 235 18.56 0.98 -5.60
CA GLN A 235 17.31 0.44 -6.12
C GLN A 235 17.27 0.36 -7.61
N TRP A 236 17.55 1.49 -8.32
CA TRP A 236 17.52 1.52 -9.77
C TRP A 236 18.51 0.52 -10.36
N ASN A 237 19.69 0.37 -9.71
CA ASN A 237 20.73 -0.58 -10.11
C ASN A 237 20.16 -1.99 -10.17
N LYS A 238 19.38 -2.40 -9.13
CA LYS A 238 18.72 -3.71 -9.02
C LYS A 238 17.62 -3.97 -10.05
N VAL A 239 16.93 -2.92 -10.51
CA VAL A 239 15.84 -2.99 -11.49
C VAL A 239 16.44 -3.30 -12.87
N ILE A 240 17.50 -2.58 -13.24
CA ILE A 240 18.19 -2.76 -14.53
C ILE A 240 19.08 -4.03 -14.53
N GLU A 241 19.63 -4.40 -13.36
CA GLU A 241 20.48 -5.58 -13.12
C GLU A 241 19.72 -6.89 -13.38
N GLN A 242 18.39 -6.83 -13.26
CA GLN A 242 17.48 -7.98 -13.37
C GLN A 242 16.62 -7.94 -14.61
N LEU A 243 15.97 -6.83 -14.91
CA LEU A 243 15.10 -6.74 -16.10
C LEU A 243 15.84 -6.17 -17.31
N GLY A 244 17.06 -5.67 -17.07
CA GLY A 244 17.92 -5.09 -18.10
C GLY A 244 17.63 -3.63 -18.34
N THR A 245 18.66 -2.91 -18.87
CA THR A 245 18.56 -1.49 -19.18
C THR A 245 17.34 -1.24 -20.10
N PRO A 246 16.45 -0.27 -19.75
CA PRO A 246 15.30 0.00 -20.63
C PRO A 246 15.71 0.43 -22.05
N CYS A 247 14.81 0.16 -23.03
CA CYS A 247 15.02 0.49 -24.44
C CYS A 247 15.19 2.01 -24.68
N PRO A 248 15.88 2.44 -25.78
CA PRO A 248 16.06 3.89 -26.05
C PRO A 248 14.80 4.75 -26.01
N GLU A 249 13.65 4.16 -26.42
CA GLU A 249 12.33 4.82 -26.45
C GLU A 249 11.87 5.31 -25.07
N PHE A 250 12.25 4.59 -24.00
CA PHE A 250 11.93 4.91 -22.61
C PHE A 250 12.69 6.16 -22.15
N MET A 251 13.99 6.22 -22.48
CA MET A 251 14.91 7.32 -22.16
C MET A 251 14.40 8.68 -22.68
N LYS A 252 13.81 8.72 -23.88
CA LYS A 252 13.26 9.92 -24.54
C LYS A 252 12.20 10.66 -23.70
N LYS A 253 11.43 9.91 -22.89
CA LYS A 253 10.38 10.44 -22.02
C LYS A 253 10.95 10.98 -20.71
N LEU A 254 12.26 10.85 -20.49
CA LEU A 254 12.88 11.32 -19.25
C LEU A 254 13.19 12.81 -19.31
N GLN A 255 13.42 13.42 -18.12
CA GLN A 255 13.85 14.80 -17.97
C GLN A 255 15.29 14.82 -18.47
N PRO A 256 15.86 15.94 -18.95
CA PRO A 256 17.24 15.90 -19.46
C PRO A 256 18.28 15.39 -18.46
N THR A 257 18.11 15.72 -17.16
CA THR A 257 19.03 15.29 -16.11
C THR A 257 18.93 13.79 -15.86
N VAL A 258 17.70 13.29 -15.50
CA VAL A 258 17.40 11.88 -15.24
C VAL A 258 17.94 11.05 -16.40
N ARG A 259 17.60 11.44 -17.65
CA ARG A 259 18.02 10.79 -18.90
C ARG A 259 19.55 10.58 -18.90
N ASN A 260 20.32 11.66 -18.66
CA ASN A 260 21.78 11.68 -18.62
C ASN A 260 22.31 10.66 -17.60
N TYR A 261 21.76 10.66 -16.35
CA TYR A 261 22.16 9.72 -15.30
C TYR A 261 21.87 8.27 -15.67
N VAL A 262 20.62 7.99 -16.09
CA VAL A 262 20.11 6.67 -16.51
C VAL A 262 20.93 6.09 -17.67
N GLU A 263 21.14 6.87 -18.75
CA GLU A 263 21.91 6.45 -19.93
C GLU A 263 23.39 6.17 -19.63
N ASN A 264 23.95 6.80 -18.56
CA ASN A 264 25.34 6.67 -18.13
C ASN A 264 25.62 5.60 -17.05
N ARG A 265 24.66 4.73 -16.78
CA ARG A 265 24.85 3.64 -15.83
C ARG A 265 25.38 2.44 -16.64
N PRO A 266 26.28 1.58 -16.07
CA PRO A 266 26.74 0.38 -16.82
C PRO A 266 25.53 -0.40 -17.34
N LYS A 267 25.56 -0.74 -18.63
CA LYS A 267 24.45 -1.42 -19.31
C LYS A 267 24.33 -2.89 -18.92
N TYR A 268 23.08 -3.38 -18.88
CA TYR A 268 22.73 -4.76 -18.53
C TYR A 268 21.74 -5.33 -19.53
N ALA A 269 21.96 -6.59 -19.93
CA ALA A 269 21.08 -7.28 -20.86
C ALA A 269 19.81 -7.71 -20.13
N GLY A 270 19.95 -8.06 -18.85
CA GLY A 270 18.85 -8.52 -18.02
C GLY A 270 18.59 -10.02 -18.15
N LEU A 271 18.17 -10.61 -17.02
CA LEU A 271 17.82 -12.01 -16.88
C LEU A 271 16.44 -12.21 -17.48
N THR A 272 16.18 -13.42 -17.98
CA THR A 272 14.89 -13.79 -18.54
C THR A 272 14.01 -14.15 -17.33
N PHE A 273 12.67 -14.05 -17.49
CA PHE A 273 11.72 -14.38 -16.42
C PHE A 273 11.80 -15.86 -15.99
N PRO A 274 12.08 -16.90 -16.85
CA PRO A 274 12.30 -18.26 -16.29
C PRO A 274 13.55 -18.34 -15.40
N LYS A 275 14.53 -17.45 -15.61
CA LYS A 275 15.76 -17.40 -14.82
C LYS A 275 15.56 -16.49 -13.57
N LEU A 276 14.68 -15.47 -13.67
CA LEU A 276 14.33 -14.60 -12.55
C LEU A 276 13.43 -15.37 -11.56
N PHE A 277 12.40 -16.07 -12.08
CA PHE A 277 11.47 -16.85 -11.27
C PHE A 277 11.42 -18.29 -11.78
N PRO A 278 12.50 -19.09 -11.51
CA PRO A 278 12.53 -20.47 -12.00
C PRO A 278 11.44 -21.39 -11.48
N ASP A 279 11.28 -22.52 -12.18
CA ASP A 279 10.28 -23.55 -11.93
C ASP A 279 10.32 -24.08 -10.49
N SER A 280 11.53 -24.15 -9.89
CA SER A 280 11.80 -24.57 -8.51
C SER A 280 11.04 -23.78 -7.44
N LEU A 281 10.74 -22.48 -7.70
CA LEU A 281 10.01 -21.58 -6.78
C LEU A 281 8.50 -21.87 -6.70
N PHE A 282 7.98 -22.60 -7.70
CA PHE A 282 6.56 -22.94 -7.87
C PHE A 282 6.24 -24.41 -7.55
N PRO A 283 4.97 -24.74 -7.17
CA PRO A 283 4.62 -26.17 -7.03
C PRO A 283 4.67 -26.83 -8.41
N ALA A 284 5.18 -28.08 -8.49
CA ALA A 284 5.37 -28.80 -9.75
C ALA A 284 4.79 -30.22 -9.77
N ASP A 285 4.31 -30.68 -8.61
CA ASP A 285 3.75 -32.02 -8.39
C ASP A 285 2.64 -32.48 -9.38
N SER A 286 1.83 -31.54 -9.91
CA SER A 286 0.72 -31.86 -10.84
C SER A 286 0.75 -31.02 -12.12
N GLU A 287 -0.05 -31.45 -13.11
CA GLU A 287 -0.23 -30.73 -14.37
C GLU A 287 -0.84 -29.37 -14.13
N HIS A 288 -1.84 -29.29 -13.20
CA HIS A 288 -2.53 -28.06 -12.80
C HIS A 288 -1.51 -27.01 -12.37
N ASN A 289 -0.62 -27.39 -11.44
CA ASN A 289 0.42 -26.50 -10.93
C ASN A 289 1.48 -26.18 -11.99
N LYS A 290 1.76 -27.14 -12.89
CA LYS A 290 2.69 -26.93 -14.02
C LYS A 290 2.16 -25.79 -14.91
N LEU A 291 0.84 -25.83 -15.25
CA LEU A 291 0.16 -24.80 -16.04
C LEU A 291 0.08 -23.49 -15.31
N LYS A 292 -0.33 -23.53 -14.01
CA LYS A 292 -0.46 -22.31 -13.19
C LYS A 292 0.89 -21.59 -13.01
N ALA A 293 2.02 -22.30 -13.04
CA ALA A 293 3.37 -21.69 -12.94
C ALA A 293 3.71 -20.84 -14.17
N SER A 294 3.48 -21.36 -15.38
CA SER A 294 3.75 -20.63 -16.63
C SER A 294 2.82 -19.42 -16.76
N GLN A 295 1.56 -19.56 -16.29
CA GLN A 295 0.55 -18.49 -16.28
C GLN A 295 0.97 -17.41 -15.30
N ALA A 296 1.51 -17.83 -14.14
CA ALA A 296 2.01 -16.94 -13.10
C ALA A 296 3.19 -16.17 -13.64
N ARG A 297 4.19 -16.87 -14.19
CA ARG A 297 5.40 -16.27 -14.78
C ARG A 297 5.06 -15.28 -15.87
N ASP A 298 4.08 -15.61 -16.72
CA ASP A 298 3.61 -14.73 -17.80
C ASP A 298 3.09 -13.40 -17.26
N LEU A 299 2.21 -13.44 -16.23
CA LEU A 299 1.67 -12.23 -15.61
C LEU A 299 2.78 -11.32 -15.07
N LEU A 300 3.74 -11.87 -14.29
CA LEU A 300 4.89 -11.16 -13.74
C LEU A 300 5.64 -10.47 -14.86
N SER A 301 6.01 -11.24 -15.91
CA SER A 301 6.77 -10.75 -17.09
C SER A 301 6.15 -9.54 -17.78
N LYS A 302 4.84 -9.32 -17.60
CA LYS A 302 4.02 -8.24 -18.15
C LYS A 302 3.83 -7.10 -17.17
N MET A 303 3.91 -7.36 -15.84
CA MET A 303 3.79 -6.36 -14.76
C MET A 303 5.15 -5.69 -14.48
N LEU A 304 6.21 -6.52 -14.46
CA LEU A 304 7.57 -6.06 -14.19
C LEU A 304 8.25 -5.60 -15.48
N VAL A 305 7.71 -4.51 -16.06
CA VAL A 305 8.18 -3.88 -17.31
C VAL A 305 8.43 -2.39 -17.01
N ILE A 306 9.71 -1.96 -17.05
CA ILE A 306 10.18 -0.60 -16.74
C ILE A 306 9.39 0.49 -17.50
N ASP A 307 9.20 0.33 -18.81
CA ASP A 307 8.46 1.28 -19.62
C ASP A 307 6.95 1.11 -19.42
N PRO A 308 6.25 2.09 -18.79
CA PRO A 308 4.80 1.94 -18.56
C PRO A 308 3.96 1.70 -19.80
N ALA A 309 4.41 2.27 -20.94
CA ALA A 309 3.80 2.21 -22.27
C ALA A 309 3.67 0.79 -22.75
N LYS A 310 4.49 -0.13 -22.19
CA LYS A 310 4.52 -1.56 -22.52
C LYS A 310 3.92 -2.44 -21.40
N ARG A 311 4.05 -2.02 -20.13
CA ARG A 311 3.54 -2.69 -18.93
C ARG A 311 1.99 -2.79 -18.94
N ILE A 312 1.46 -3.95 -18.50
CA ILE A 312 0.06 -4.34 -18.48
C ILE A 312 -0.88 -3.40 -17.62
N SER A 313 -2.10 -3.14 -18.13
CA SER A 313 -3.10 -2.32 -17.45
C SER A 313 -3.76 -3.12 -16.34
N VAL A 314 -4.57 -2.46 -15.49
CA VAL A 314 -5.31 -3.14 -14.40
C VAL A 314 -6.42 -4.07 -15.00
N ASP A 315 -7.16 -3.56 -16.04
CA ASP A 315 -8.24 -4.26 -16.76
C ASP A 315 -7.74 -5.49 -17.51
N ASP A 316 -6.53 -5.41 -18.09
CA ASP A 316 -5.94 -6.52 -18.83
C ASP A 316 -5.46 -7.56 -17.85
N ALA A 317 -4.89 -7.13 -16.70
CA ALA A 317 -4.46 -8.02 -15.62
C ALA A 317 -5.62 -8.85 -15.03
N LEU A 318 -6.82 -8.24 -14.88
CA LEU A 318 -8.01 -8.94 -14.36
C LEU A 318 -8.56 -9.95 -15.35
N GLN A 319 -8.20 -9.82 -16.64
CA GLN A 319 -8.58 -10.72 -17.74
C GLN A 319 -7.42 -11.64 -18.12
N HIS A 320 -6.38 -11.72 -17.26
CA HIS A 320 -5.25 -12.63 -17.46
C HIS A 320 -5.68 -14.05 -16.99
N PRO A 321 -5.35 -15.10 -17.78
CA PRO A 321 -5.71 -16.46 -17.38
C PRO A 321 -5.42 -16.87 -15.92
N TYR A 322 -4.39 -16.27 -15.31
CA TYR A 322 -4.02 -16.57 -13.92
C TYR A 322 -5.01 -15.94 -12.91
N ILE A 323 -5.40 -14.66 -13.17
CA ILE A 323 -6.29 -13.85 -12.32
C ILE A 323 -7.77 -14.06 -12.62
N ASN A 324 -8.18 -13.95 -13.92
CA ASN A 324 -9.55 -14.01 -14.47
C ASN A 324 -10.53 -15.06 -13.84
N VAL A 325 -9.98 -16.17 -13.32
CA VAL A 325 -10.75 -17.25 -12.70
C VAL A 325 -11.57 -16.81 -11.46
N TRP A 326 -11.18 -15.69 -10.81
CA TRP A 326 -11.86 -15.15 -9.63
C TRP A 326 -12.97 -14.12 -9.92
N TYR A 327 -13.08 -13.67 -11.18
CA TYR A 327 -14.11 -12.71 -11.62
C TYR A 327 -15.52 -13.27 -11.34
N ASP A 328 -16.36 -12.51 -10.61
CA ASP A 328 -17.71 -12.90 -10.20
C ASP A 328 -18.85 -12.00 -10.78
N PRO A 329 -19.79 -12.59 -11.58
CA PRO A 329 -20.90 -11.78 -12.12
C PRO A 329 -22.01 -11.49 -11.09
N LEU A 344 -9.15 19.65 -4.24
CA LEU A 344 -9.21 19.81 -2.78
C LEU A 344 -8.48 18.68 -2.00
N ASP A 345 -7.49 19.00 -1.13
CA ASP A 345 -6.94 20.30 -0.77
C ASP A 345 -5.44 20.16 -0.43
N GLU A 346 -4.59 19.96 -1.48
CA GLU A 346 -3.14 19.76 -1.32
C GLU A 346 -2.33 21.08 -1.22
N ARG A 347 -3.01 22.22 -0.97
CA ARG A 347 -2.32 23.50 -0.83
C ARG A 347 -1.65 23.61 0.54
N GLU A 348 -0.75 24.56 0.69
CA GLU A 348 -0.06 24.69 1.93
C GLU A 348 -0.89 25.41 2.96
N HIS A 349 -0.88 24.86 4.16
CA HIS A 349 -1.60 25.39 5.31
C HIS A 349 -0.69 25.43 6.54
N THR A 350 -1.12 26.11 7.59
CA THR A 350 -0.33 26.19 8.80
C THR A 350 -0.79 25.11 9.77
N ILE A 351 -0.14 25.00 10.94
CA ILE A 351 -0.49 24.04 11.99
C ILE A 351 -1.93 24.33 12.44
N GLU A 352 -2.25 25.60 12.72
CA GLU A 352 -3.58 26.03 13.13
C GLU A 352 -4.62 25.78 12.05
N GLU A 353 -4.25 26.05 10.79
CA GLU A 353 -5.12 25.86 9.62
C GLU A 353 -5.45 24.39 9.41
N TRP A 354 -4.45 23.51 9.61
CA TRP A 354 -4.58 22.07 9.48
C TRP A 354 -5.40 21.44 10.61
N LYS A 355 -5.09 21.83 11.87
CA LYS A 355 -5.79 21.39 13.08
C LYS A 355 -7.31 21.55 12.91
N GLU A 356 -7.75 22.63 12.26
CA GLU A 356 -9.18 22.91 12.03
C GLU A 356 -9.75 22.04 10.94
N LEU A 357 -9.06 21.97 9.79
CA LEU A 357 -9.52 21.19 8.66
C LEU A 357 -9.78 19.73 9.06
N ILE A 358 -8.83 19.14 9.83
CA ILE A 358 -8.85 17.78 10.38
C ILE A 358 -9.97 17.62 11.44
N TYR A 359 -10.01 18.52 12.42
CA TYR A 359 -11.00 18.50 13.50
C TYR A 359 -12.43 18.54 12.99
N LYS A 360 -12.72 19.42 12.01
CA LYS A 360 -14.09 19.55 11.51
C LYS A 360 -14.42 18.45 10.50
N GLU A 361 -13.50 17.49 10.31
CA GLU A 361 -13.69 16.32 9.47
C GLU A 361 -13.96 15.12 10.39
N VAL A 362 -13.40 15.15 11.63
CA VAL A 362 -13.58 14.15 12.71
C VAL A 362 -15.00 14.32 13.24
N MET A 363 -15.36 15.59 13.53
CA MET A 363 -16.65 16.05 14.05
C MET A 363 -17.76 16.14 12.96
N ASN A 364 -17.35 16.23 11.65
CA ASN A 364 -18.17 16.37 10.43
C ASN A 364 -19.32 17.39 10.59
C10 3HN B . -1.65 -7.73 11.90
C01 3HN B . -9.12 -12.55 15.42
C02 3HN B . -7.93 -11.75 15.92
C03 3HN B . -7.10 -11.14 15.00
C04 3HN B . -5.98 -10.45 15.44
N05 3HN B . -5.28 -9.68 14.47
C06 3HN B . -3.90 -9.35 14.51
O07 3HN B . -3.15 -9.67 15.41
C08 3HN B . -3.39 -8.47 13.38
C09 3HN B . -2.08 -8.59 12.91
C11 3HN B . -2.50 -6.75 11.40
C12 3HN B . -3.80 -6.63 11.88
C13 3HN B . -4.21 -7.45 12.91
N14 3HN B . -4.61 -5.63 11.48
C15 3HN B . -4.23 -4.34 11.42
C16 3HN B . -5.34 -3.57 11.07
N17 3HN B . -5.39 -2.16 10.84
C18 3HN B . -4.23 -1.34 10.69
O19 3HN B . -3.13 -1.82 10.69
N20 3HN B . -4.24 0.06 10.48
C21 3HN B . -5.43 0.81 10.50
C22 3HN B . -5.64 1.80 9.53
C23 3HN B . -6.84 2.51 9.60
C24 3HN B . -7.74 2.29 10.68
F25 3HN B . -8.90 2.92 10.76
C26 3HN B . -7.46 1.38 11.68
C27 3HN B . -6.27 0.69 11.63
C28 3HN B . -6.42 -4.44 11.01
N29 3HN B . -5.95 -5.67 11.28
C30 3HN B . -5.78 -10.31 16.81
C31 3HN B . -6.62 -10.96 17.70
N32 3HN B . -7.67 -11.67 17.25
H1 3HN B . -0.76 -7.85 11.53
H2 3HN B . -9.53 -13.04 16.15
H3 3HN B . -8.82 -13.18 14.72
H4 3HN B . -9.78 -11.93 15.04
H5 3HN B . -7.31 -11.17 14.05
H6 3HN B . -5.78 -9.39 13.77
H7 3HN B . -1.49 -9.29 13.24
H8 3HN B . -2.18 -6.15 10.70
H9 3HN B . -5.12 -7.34 13.27
H10 3HN B . -3.33 -4.02 11.55
H11 3HN B . -6.22 -1.79 10.84
H12 3HN B . -3.46 0.49 10.40
H13 3HN B . -5.04 1.90 8.77
H14 3HN B . -7.06 3.15 8.89
H15 3HN B . -8.08 1.25 12.42
H16 3HN B . -6.08 0.02 12.31
H17 3HN B . -7.34 -4.21 10.78
H18 3HN B . -5.03 -9.79 17.15
H19 3HN B . -6.44 -10.92 18.66
#